data_5FRO
#
_entry.id   5FRO
#
_cell.length_a   159.900
_cell.length_b   159.900
_cell.length_c   123.770
_cell.angle_alpha   90.00
_cell.angle_beta   90.00
_cell.angle_gamma   90.00
#
_symmetry.space_group_name_H-M   'P 41 21 2'
#
loop_
_entity.id
_entity.type
_entity.pdbx_description
1 polymer 'PFV INTEGRASE'
2 polymer "5'-D(*AP*TP*TP*GP*TP*CP*AP*TP*GP*GP*AP*AP*TP*TP *TP*CP*GP*CP*A)-3'"
3 polymer "5'-D(*TP*GP*CP*GP*AP*AP*AP*TP*TP*CP*CP*AP*TP*GP *AP*CP*A)-3'"
4 non-polymer 'ZINC ION'
5 non-polymer 'MAGNESIUM ION'
6 non-polymer 'SULFATE ION'
7 non-polymer 4-azanyl-N-[[2,4-bis(fluoranyl)phenyl]methyl]-1-oxidanyl-2-oxidanylidene-6-[2-(phenylsulfonyl)ethyl]-1,8-naphthyridine-3-carboxamide
8 non-polymer GLYCEROL
9 water water
#
loop_
_entity_poly.entity_id
_entity_poly.type
_entity_poly.pdbx_seq_one_letter_code
_entity_poly.pdbx_strand_id
1 'polypeptide(L)'
;GPGCNTKKPNLDAELDQLLQGHYIKGYPKQYTYFLEDGKVKVSRPEGVKIIPPQSDRQKIVLQAHNLAHTGREATLLKIA
NLYWWPNMRKDVVKQLGRCQQCLITNASNKASGPILRPDRPQKPFDKFFIDYIGPLPPSQGYLYVLVVVDGMTGFTWLYP
TKAPSTSATVKSLNVLTSIAIPKVIHSDQGAAFTSSTFAEWAKERGIHLEFSTPYHPQSSGKVERKNSDIKRLLTKLLVG
RPTKWYDLLPVVQLALNNTYSPVLKYTPHQLLFGIDSNTPFANQDTLDLTREEELSLLQEIRTSLYHPSTPPASSRSWSP
VVGQLVQERVARPASLRPRWHKPSTVLKVLNPRTVVILDHLGNNRTVSIDNLKPTSHQNGTTNDTATMDHLEKNE
;
A,B
2 'polydeoxyribonucleotide' (DA)(DT)(DT)(DG)(DT)(DC)(DA)(DT)(DG)(DG)(DA)(DA)(DT)(DT)(DT)(DC)(DG)(DC)(DA) C
3 'polydeoxyribonucleotide' (DT)(DG)(DC)(DG)(DA)(DA)(DA)(DT)(DT)(DC)(DC)(DA)(DT)(DG)(DA)(DC)(DA) D
#
# COMPACT_ATOMS: atom_id res chain seq x y z
N ASP A 12 -63.06 -14.55 -10.19
CA ASP A 12 -64.45 -14.68 -10.59
C ASP A 12 -65.30 -13.49 -10.13
N ALA A 13 -65.21 -13.17 -8.84
CA ALA A 13 -66.08 -12.15 -8.25
C ALA A 13 -65.88 -10.80 -8.90
N GLU A 14 -64.61 -10.37 -9.05
CA GLU A 14 -64.33 -9.10 -9.72
C GLU A 14 -64.68 -9.16 -11.20
N LEU A 15 -64.39 -10.28 -11.85
CA LEU A 15 -64.65 -10.44 -13.28
C LEU A 15 -66.12 -10.68 -13.60
N ASP A 16 -66.93 -11.09 -12.61
CA ASP A 16 -68.36 -11.27 -12.85
C ASP A 16 -69.05 -9.93 -13.07
N GLN A 17 -68.75 -8.95 -12.22
CA GLN A 17 -69.33 -7.61 -12.41
C GLN A 17 -68.83 -6.96 -13.70
N LEU A 18 -67.64 -7.34 -14.16
CA LEU A 18 -67.10 -6.75 -15.38
C LEU A 18 -67.89 -7.18 -16.61
N LEU A 19 -68.31 -8.45 -16.66
CA LEU A 19 -69.01 -8.96 -17.83
C LEU A 19 -70.38 -8.29 -18.02
N GLN A 20 -71.13 -8.13 -16.94
CA GLN A 20 -72.47 -7.55 -17.06
C GLN A 20 -72.45 -6.05 -17.31
N GLY A 21 -71.32 -5.39 -17.07
CA GLY A 21 -71.13 -4.01 -17.50
C GLY A 21 -70.78 -3.01 -16.41
N HIS A 22 -70.67 -3.39 -15.14
CA HIS A 22 -70.34 -2.43 -14.10
C HIS A 22 -68.86 -2.05 -14.17
N TYR A 23 -68.52 -0.94 -13.52
CA TYR A 23 -67.18 -0.38 -13.56
C TYR A 23 -66.35 -0.90 -12.38
N ILE A 24 -65.15 -1.38 -12.69
CA ILE A 24 -64.14 -1.73 -11.69
C ILE A 24 -62.91 -0.87 -11.95
N LYS A 25 -62.29 -0.39 -10.88
CA LYS A 25 -61.14 0.48 -11.01
C LYS A 25 -59.95 -0.28 -11.61
N GLY A 26 -59.27 0.36 -12.56
CA GLY A 26 -58.18 -0.27 -13.27
C GLY A 26 -58.57 -0.71 -14.66
N TYR A 27 -59.79 -1.24 -14.79
CA TYR A 27 -60.30 -1.67 -16.07
C TYR A 27 -61.00 -0.51 -16.77
N PRO A 28 -60.51 -0.03 -17.91
CA PRO A 28 -61.14 1.13 -18.54
C PRO A 28 -62.49 0.79 -19.15
N LYS A 29 -63.40 1.77 -19.09
CA LYS A 29 -64.80 1.53 -19.44
C LYS A 29 -65.01 1.39 -20.95
N GLN A 30 -64.19 2.04 -21.76
CA GLN A 30 -64.48 2.14 -23.19
C GLN A 30 -64.29 0.85 -23.97
N TYR A 31 -63.86 -0.24 -23.33
CA TYR A 31 -63.71 -1.52 -23.99
C TYR A 31 -64.78 -2.50 -23.54
N THR A 32 -65.18 -3.39 -24.46
CA THR A 32 -66.23 -4.36 -24.19
C THR A 32 -65.61 -5.65 -23.67
N TYR A 33 -65.99 -6.05 -22.46
CA TYR A 33 -65.47 -7.25 -21.81
C TYR A 33 -66.50 -8.36 -21.92
N PHE A 34 -66.16 -9.44 -22.64
CA PHE A 34 -67.10 -10.51 -22.94
C PHE A 34 -66.53 -11.86 -22.52
N LEU A 35 -67.39 -12.88 -22.58
CA LEU A 35 -67.04 -14.25 -22.22
C LEU A 35 -67.03 -15.14 -23.46
N GLU A 36 -66.06 -16.05 -23.51
CA GLU A 36 -65.87 -16.90 -24.69
C GLU A 36 -65.01 -18.08 -24.30
N ASP A 37 -65.50 -19.30 -24.55
CA ASP A 37 -64.81 -20.54 -24.19
C ASP A 37 -64.54 -20.62 -22.69
N GLY A 38 -65.45 -20.10 -21.86
CA GLY A 38 -65.30 -20.13 -20.42
C GLY A 38 -64.25 -19.19 -19.87
N LYS A 39 -63.86 -18.17 -20.63
CA LYS A 39 -62.80 -17.25 -20.24
C LYS A 39 -63.21 -15.82 -20.53
N VAL A 40 -62.88 -14.91 -19.61
CA VAL A 40 -63.16 -13.49 -19.80
C VAL A 40 -62.13 -12.90 -20.74
N LYS A 41 -62.60 -12.13 -21.73
CA LYS A 41 -61.73 -11.56 -22.76
C LYS A 41 -62.05 -10.09 -22.95
N VAL A 42 -61.25 -9.44 -23.80
CA VAL A 42 -61.41 -8.01 -24.09
C VAL A 42 -60.77 -7.73 -25.44
N SER A 43 -61.40 -6.85 -26.22
CA SER A 43 -60.97 -6.53 -27.57
C SER A 43 -60.18 -5.22 -27.55
N ARG A 44 -58.89 -5.35 -27.26
CA ARG A 44 -57.96 -4.23 -27.23
C ARG A 44 -57.36 -4.00 -28.62
N PRO A 45 -56.76 -2.82 -28.88
CA PRO A 45 -56.27 -2.53 -30.23
C PRO A 45 -55.25 -3.55 -30.75
N GLU A 46 -54.43 -4.12 -29.87
CA GLU A 46 -53.47 -5.13 -30.32
C GLU A 46 -54.17 -6.41 -30.74
N GLY A 47 -55.28 -6.74 -30.11
CA GLY A 47 -56.00 -7.96 -30.42
C GLY A 47 -56.87 -8.36 -29.25
N VAL A 48 -57.46 -9.55 -29.38
CA VAL A 48 -58.31 -10.10 -28.33
C VAL A 48 -57.43 -10.80 -27.30
N LYS A 49 -57.44 -10.31 -26.06
CA LYS A 49 -56.63 -10.86 -25.00
C LYS A 49 -57.51 -11.43 -23.90
N ILE A 50 -56.99 -12.46 -23.23
CA ILE A 50 -57.68 -13.09 -22.11
C ILE A 50 -57.38 -12.31 -20.83
N ILE A 51 -58.42 -12.06 -20.04
CA ILE A 51 -58.21 -11.48 -18.71
C ILE A 51 -58.30 -12.61 -17.68
N PRO A 52 -57.19 -13.05 -17.10
CA PRO A 52 -57.26 -14.09 -16.07
C PRO A 52 -57.70 -13.51 -14.75
N PRO A 53 -58.25 -14.32 -13.85
CA PRO A 53 -58.60 -13.81 -12.53
C PRO A 53 -57.36 -13.49 -11.70
N GLN A 54 -57.58 -12.68 -10.66
CA GLN A 54 -56.49 -12.24 -9.79
C GLN A 54 -55.64 -13.41 -9.29
N SER A 55 -56.28 -14.53 -8.96
CA SER A 55 -55.59 -15.66 -8.35
C SER A 55 -54.66 -16.38 -9.33
N ASP A 56 -54.88 -16.25 -10.63
CA ASP A 56 -54.06 -16.94 -11.62
C ASP A 56 -52.86 -16.13 -12.09
N ARG A 57 -52.81 -14.83 -11.78
CA ARG A 57 -51.86 -13.95 -12.44
C ARG A 57 -50.42 -14.17 -11.96
N GLN A 58 -50.22 -14.40 -10.65
CA GLN A 58 -48.88 -14.66 -10.16
C GLN A 58 -48.28 -15.90 -10.81
N LYS A 59 -49.10 -16.92 -11.06
CA LYS A 59 -48.62 -18.13 -11.72
C LYS A 59 -48.27 -17.85 -13.18
N ILE A 60 -49.05 -17.00 -13.85
CA ILE A 60 -48.80 -16.68 -15.25
C ILE A 60 -47.50 -15.91 -15.41
N VAL A 61 -47.27 -14.93 -14.53
CA VAL A 61 -46.03 -14.14 -14.59
C VAL A 61 -44.83 -15.06 -14.32
N LEU A 62 -44.96 -15.95 -13.34
CA LEU A 62 -43.87 -16.87 -13.02
C LEU A 62 -43.59 -17.82 -14.18
N GLN A 63 -44.63 -18.35 -14.83
CA GLN A 63 -44.42 -19.22 -15.98
C GLN A 63 -43.73 -18.50 -17.12
N ALA A 64 -44.15 -17.26 -17.40
CA ALA A 64 -43.52 -16.49 -18.46
C ALA A 64 -42.07 -16.16 -18.13
N HIS A 65 -41.82 -15.72 -16.90
CA HIS A 65 -40.46 -15.36 -16.51
C HIS A 65 -39.52 -16.57 -16.58
N ASN A 66 -39.95 -17.71 -16.04
CA ASN A 66 -39.06 -18.86 -15.90
C ASN A 66 -38.67 -19.50 -17.24
N LEU A 67 -39.29 -19.11 -18.36
CA LEU A 67 -38.89 -19.66 -19.65
C LEU A 67 -37.42 -19.42 -19.91
N ALA A 68 -36.97 -18.18 -19.76
CA ALA A 68 -35.56 -17.85 -19.91
C ALA A 68 -35.08 -16.89 -18.82
N HIS A 69 -35.81 -16.79 -17.71
CA HIS A 69 -35.49 -15.89 -16.61
C HIS A 69 -35.23 -14.47 -17.11
N THR A 70 -36.17 -13.96 -17.89
CA THR A 70 -36.08 -12.68 -18.56
C THR A 70 -36.44 -11.52 -17.62
N GLY A 71 -35.93 -10.35 -17.95
CA GLY A 71 -36.22 -9.13 -17.23
C GLY A 71 -37.62 -8.61 -17.55
N ARG A 72 -37.81 -7.33 -17.25
CA ARG A 72 -39.13 -6.74 -17.23
C ARG A 72 -39.80 -6.80 -18.59
N GLU A 73 -39.22 -6.15 -19.60
CA GLU A 73 -39.89 -6.01 -20.90
C GLU A 73 -39.97 -7.35 -21.64
N ALA A 74 -38.89 -8.14 -21.60
CA ALA A 74 -38.91 -9.42 -22.30
C ALA A 74 -39.93 -10.38 -21.68
N THR A 75 -40.10 -10.33 -20.36
CA THR A 75 -41.14 -11.13 -19.71
C THR A 75 -42.52 -10.64 -20.09
N LEU A 76 -42.73 -9.32 -20.10
CA LEU A 76 -44.04 -8.78 -20.41
C LEU A 76 -44.47 -9.13 -21.83
N LEU A 77 -43.57 -9.01 -22.80
CA LEU A 77 -43.91 -9.29 -24.19
C LEU A 77 -44.42 -10.71 -24.39
N LYS A 78 -43.95 -11.66 -23.57
CA LYS A 78 -44.53 -12.99 -23.58
C LYS A 78 -45.96 -12.98 -23.06
N ILE A 79 -46.17 -12.38 -21.88
CA ILE A 79 -47.49 -12.39 -21.25
C ILE A 79 -48.51 -11.68 -22.15
N ALA A 80 -48.10 -10.59 -22.79
CA ALA A 80 -49.01 -9.79 -23.60
C ALA A 80 -49.49 -10.50 -24.86
N ASN A 81 -48.82 -11.59 -25.28
CA ASN A 81 -49.30 -12.33 -26.44
C ASN A 81 -50.67 -12.96 -26.18
N LEU A 82 -50.92 -13.41 -24.96
CA LEU A 82 -52.17 -14.07 -24.60
C LEU A 82 -53.05 -13.22 -23.70
N TYR A 83 -52.48 -12.47 -22.75
CA TYR A 83 -53.24 -11.91 -21.66
C TYR A 83 -53.18 -10.39 -21.61
N TRP A 84 -54.12 -9.82 -20.85
CA TRP A 84 -54.10 -8.42 -20.46
C TRP A 84 -54.77 -8.30 -19.09
N TRP A 85 -54.21 -7.43 -18.24
CA TRP A 85 -54.87 -7.06 -17.00
C TRP A 85 -54.28 -5.73 -16.53
N PRO A 86 -54.89 -5.07 -15.54
CA PRO A 86 -54.40 -3.75 -15.13
C PRO A 86 -53.05 -3.82 -14.46
N ASN A 87 -52.13 -2.95 -14.92
CA ASN A 87 -50.80 -2.80 -14.32
C ASN A 87 -50.02 -4.11 -14.34
N MET A 88 -49.78 -4.61 -15.55
CA MET A 88 -49.10 -5.90 -15.69
C MET A 88 -47.64 -5.81 -15.24
N ARG A 89 -46.94 -4.75 -15.64
CA ARG A 89 -45.53 -4.63 -15.29
C ARG A 89 -45.32 -4.56 -13.78
N LYS A 90 -46.30 -4.07 -13.03
CA LYS A 90 -46.19 -4.08 -11.58
C LYS A 90 -46.13 -5.50 -11.05
N ASP A 91 -46.94 -6.40 -11.60
CA ASP A 91 -46.88 -7.81 -11.20
C ASP A 91 -45.62 -8.49 -11.72
N VAL A 92 -45.11 -8.05 -12.88
CA VAL A 92 -43.87 -8.60 -13.41
C VAL A 92 -42.69 -8.20 -12.52
N VAL A 93 -42.58 -6.90 -12.22
CA VAL A 93 -41.50 -6.40 -11.37
C VAL A 93 -41.56 -7.04 -9.98
N LYS A 94 -42.78 -7.31 -9.50
CA LYS A 94 -42.95 -7.99 -8.22
C LYS A 94 -42.26 -9.35 -8.22
N GLN A 95 -42.40 -10.10 -9.32
CA GLN A 95 -41.79 -11.43 -9.41
C GLN A 95 -40.28 -11.36 -9.65
N LEU A 96 -39.81 -10.37 -10.42
CA LEU A 96 -38.37 -10.24 -10.64
C LEU A 96 -37.62 -10.01 -9.33
N GLY A 97 -38.21 -9.24 -8.41
CA GLY A 97 -37.59 -9.01 -7.11
C GLY A 97 -37.63 -10.21 -6.19
N ARG A 98 -38.49 -11.20 -6.48
CA ARG A 98 -38.56 -12.43 -5.69
C ARG A 98 -37.80 -13.58 -6.30
N CYS A 99 -37.36 -13.46 -7.56
CA CYS A 99 -36.59 -14.53 -8.20
C CYS A 99 -35.16 -14.47 -7.70
N GLN A 100 -34.78 -15.44 -6.85
CA GLN A 100 -33.45 -15.45 -6.27
C GLN A 100 -32.39 -15.69 -7.34
N GLN A 101 -32.67 -16.55 -8.32
CA GLN A 101 -31.69 -16.86 -9.36
C GLN A 101 -31.33 -15.62 -10.18
N CYS A 102 -32.32 -14.78 -10.49
CA CYS A 102 -32.03 -13.58 -11.27
C CYS A 102 -31.25 -12.55 -10.45
N LEU A 103 -31.61 -12.39 -9.17
CA LEU A 103 -30.93 -11.40 -8.33
C LEU A 103 -29.44 -11.70 -8.21
N ILE A 104 -29.08 -12.97 -8.05
CA ILE A 104 -27.68 -13.32 -7.81
C ILE A 104 -26.88 -13.57 -9.08
N THR A 105 -27.53 -13.77 -10.23
CA THR A 105 -26.82 -14.03 -11.47
C THR A 105 -26.67 -12.79 -12.35
N ASN A 106 -27.72 -11.97 -12.44
CA ASN A 106 -27.71 -10.85 -13.38
C ASN A 106 -26.66 -9.83 -13.01
N ALA A 107 -26.25 -9.04 -14.01
CA ALA A 107 -25.31 -7.96 -13.82
C ALA A 107 -26.03 -6.70 -13.34
N SER A 108 -25.25 -5.78 -12.79
CA SER A 108 -25.75 -4.45 -12.47
C SER A 108 -25.71 -3.58 -13.71
N ASN A 109 -26.61 -2.60 -13.77
CA ASN A 109 -26.55 -1.56 -14.80
C ASN A 109 -26.45 -0.18 -14.16
N LYS A 110 -25.94 -0.11 -12.94
CA LYS A 110 -25.64 1.15 -12.27
C LYS A 110 -24.17 1.16 -11.87
N ALA A 111 -23.45 2.20 -12.29
CA ALA A 111 -22.03 2.31 -11.99
C ALA A 111 -21.82 2.76 -10.54
N SER A 112 -20.63 2.47 -10.03
CA SER A 112 -20.25 2.99 -8.73
C SER A 112 -20.07 4.51 -8.79
N GLY A 113 -20.27 5.16 -7.66
CA GLY A 113 -20.07 6.59 -7.55
C GLY A 113 -18.61 6.97 -7.75
N PRO A 114 -18.34 8.26 -7.92
CA PRO A 114 -16.99 8.69 -8.30
C PRO A 114 -15.98 8.42 -7.19
N ILE A 115 -14.74 8.14 -7.59
CA ILE A 115 -13.70 7.73 -6.65
C ILE A 115 -13.30 8.89 -5.73
N LEU A 116 -12.97 8.53 -4.49
CA LEU A 116 -12.35 9.47 -3.57
C LEU A 116 -10.86 9.59 -3.88
N ARG A 117 -10.32 10.78 -3.67
CA ARG A 117 -8.88 10.99 -3.74
C ARG A 117 -8.42 11.37 -2.33
N PRO A 118 -8.08 10.40 -1.48
CA PRO A 118 -7.73 10.73 -0.09
C PRO A 118 -6.52 11.64 -0.01
N ASP A 119 -6.48 12.43 1.06
CA ASP A 119 -5.41 13.39 1.28
C ASP A 119 -4.05 12.70 1.30
N ARG A 120 -3.08 13.34 0.67
CA ARG A 120 -1.70 12.87 0.75
C ARG A 120 -1.23 12.92 2.21
N PRO A 121 -0.64 11.86 2.74
CA PRO A 121 -0.10 11.92 4.10
C PRO A 121 0.78 13.14 4.29
N GLN A 122 0.66 13.76 5.48
CA GLN A 122 1.31 15.05 5.69
C GLN A 122 2.83 14.92 5.73
N LYS A 123 3.35 13.92 6.42
CA LYS A 123 4.78 13.77 6.64
C LYS A 123 5.29 12.45 6.05
N PRO A 124 6.58 12.37 5.74
CA PRO A 124 7.20 11.08 5.50
C PRO A 124 7.05 10.19 6.72
N PHE A 125 6.89 8.88 6.47
CA PHE A 125 6.74 7.84 7.48
C PHE A 125 5.44 7.95 8.25
N ASP A 126 4.46 8.74 7.76
CA ASP A 126 3.12 8.68 8.33
C ASP A 126 2.38 7.43 7.88
N LYS A 127 2.51 7.07 6.61
CA LYS A 127 1.81 5.91 6.07
C LYS A 127 2.67 5.26 4.99
N PHE A 128 3.01 3.99 5.21
CA PHE A 128 3.62 3.14 4.18
C PHE A 128 2.52 2.36 3.46
N PHE A 129 2.71 2.15 2.17
CA PHE A 129 1.90 1.23 1.38
C PHE A 129 2.80 0.09 0.94
N ILE A 130 2.46 -1.15 1.29
CA ILE A 130 3.27 -2.30 0.95
C ILE A 130 2.42 -3.31 0.19
N ASP A 131 3.10 -4.07 -0.67
CA ASP A 131 2.46 -5.03 -1.57
C ASP A 131 3.56 -5.87 -2.21
N TYR A 132 3.16 -7.02 -2.77
CA TYR A 132 4.09 -7.91 -3.44
C TYR A 132 3.86 -7.90 -4.95
N ILE A 133 4.96 -7.98 -5.69
CA ILE A 133 4.95 -8.25 -7.11
C ILE A 133 5.41 -9.69 -7.30
N GLY A 134 4.74 -10.41 -8.19
CA GLY A 134 5.15 -11.78 -8.50
C GLY A 134 4.03 -12.77 -8.65
N PRO A 135 4.36 -14.02 -9.05
CA PRO A 135 5.72 -14.49 -9.28
C PRO A 135 6.35 -14.04 -10.60
N LEU A 136 7.66 -13.82 -10.56
CA LEU A 136 8.47 -13.43 -11.69
C LEU A 136 9.35 -14.60 -12.14
N PRO A 137 10.01 -14.50 -13.29
CA PRO A 137 10.99 -15.53 -13.66
C PRO A 137 12.06 -15.67 -12.60
N PRO A 138 12.46 -16.89 -12.25
CA PRO A 138 13.43 -17.09 -11.17
C PRO A 138 14.73 -16.36 -11.46
N SER A 139 15.22 -15.62 -10.46
CA SER A 139 16.48 -14.90 -10.56
C SER A 139 17.21 -15.06 -9.23
N GLN A 140 18.29 -15.84 -9.25
CA GLN A 140 19.05 -16.18 -8.04
C GLN A 140 18.18 -16.91 -7.01
N GLY A 141 17.17 -17.65 -7.48
CA GLY A 141 16.23 -18.32 -6.61
C GLY A 141 15.11 -17.45 -6.08
N TYR A 142 15.04 -16.19 -6.48
CA TYR A 142 14.03 -15.26 -6.00
C TYR A 142 12.91 -15.12 -7.02
N LEU A 143 11.67 -15.08 -6.53
CA LEU A 143 10.48 -15.03 -7.37
C LEU A 143 9.63 -13.79 -7.17
N TYR A 144 9.73 -13.11 -6.02
CA TYR A 144 8.83 -12.03 -5.68
C TYR A 144 9.63 -10.79 -5.30
N VAL A 145 8.94 -9.66 -5.25
CA VAL A 145 9.51 -8.38 -4.83
C VAL A 145 8.54 -7.74 -3.84
N LEU A 146 9.03 -7.45 -2.64
CA LEU A 146 8.29 -6.63 -1.68
C LEU A 146 8.51 -5.16 -2.02
N VAL A 147 7.42 -4.45 -2.28
CA VAL A 147 7.49 -3.02 -2.62
C VAL A 147 6.91 -2.24 -1.44
N VAL A 148 7.68 -1.28 -0.95
CA VAL A 148 7.27 -0.43 0.17
C VAL A 148 7.34 1.02 -0.32
N VAL A 149 6.19 1.69 -0.35
CA VAL A 149 6.08 3.05 -0.86
C VAL A 149 5.66 3.96 0.28
N ASP A 150 6.47 4.99 0.55
CA ASP A 150 6.07 6.02 1.49
C ASP A 150 5.00 6.91 0.85
N GLY A 151 3.89 7.09 1.57
CA GLY A 151 2.74 7.75 0.97
C GLY A 151 2.97 9.21 0.63
N MET A 152 3.67 9.93 1.51
CA MET A 152 3.88 11.36 1.28
C MET A 152 4.86 11.60 0.13
N THR A 153 6.03 10.98 0.20
CA THR A 153 7.12 11.25 -0.74
C THR A 153 7.05 10.41 -2.00
N GLY A 154 6.45 9.22 -1.94
CA GLY A 154 6.57 8.26 -3.01
C GLY A 154 7.88 7.51 -3.00
N PHE A 155 8.76 7.78 -2.04
CA PHE A 155 10.04 7.09 -1.95
C PHE A 155 9.83 5.61 -1.69
N THR A 156 10.48 4.77 -2.50
CA THR A 156 10.16 3.35 -2.59
C THR A 156 11.37 2.49 -2.22
N TRP A 157 11.11 1.42 -1.47
CA TRP A 157 12.11 0.41 -1.13
C TRP A 157 11.70 -0.92 -1.77
N LEU A 158 12.68 -1.61 -2.35
CA LEU A 158 12.45 -2.89 -3.02
C LEU A 158 13.27 -3.98 -2.34
N TYR A 159 12.63 -5.12 -2.08
CA TYR A 159 13.27 -6.27 -1.47
C TYR A 159 12.89 -7.55 -2.21
N PRO A 160 13.87 -8.32 -2.70
CA PRO A 160 13.54 -9.60 -3.35
C PRO A 160 13.29 -10.69 -2.31
N THR A 161 12.25 -11.49 -2.55
CA THR A 161 11.92 -12.60 -1.68
C THR A 161 11.65 -13.85 -2.51
N LYS A 162 11.67 -14.99 -1.83
CA LYS A 162 11.40 -16.28 -2.47
C LYS A 162 9.92 -16.64 -2.42
N ALA A 163 9.15 -16.03 -1.53
CA ALA A 163 7.73 -16.23 -1.44
C ALA A 163 7.10 -14.96 -0.87
N PRO A 164 5.75 -14.72 -1.11
CA PRO A 164 5.09 -13.57 -0.47
C PRO A 164 4.62 -13.93 0.93
N SER A 165 5.58 -14.02 1.85
CA SER A 165 5.35 -14.59 3.17
C SER A 165 5.53 -13.55 4.26
N THR A 166 5.02 -13.90 5.45
CA THR A 166 5.18 -13.02 6.61
C THR A 166 6.64 -12.94 7.05
N SER A 167 7.35 -14.07 7.00
CA SER A 167 8.73 -14.09 7.45
C SER A 167 9.63 -13.26 6.54
N ALA A 168 9.38 -13.32 5.22
CA ALA A 168 10.15 -12.48 4.31
C ALA A 168 9.75 -11.02 4.43
N THR A 169 8.49 -10.75 4.78
CA THR A 169 8.06 -9.37 5.01
C THR A 169 8.70 -8.80 6.28
N VAL A 170 8.74 -9.59 7.35
CA VAL A 170 9.32 -9.13 8.60
C VAL A 170 10.83 -8.91 8.44
N LYS A 171 11.52 -9.86 7.80
CA LYS A 171 12.94 -9.69 7.51
C LYS A 171 13.21 -8.37 6.80
N SER A 172 12.45 -8.09 5.74
CA SER A 172 12.68 -6.89 4.95
C SER A 172 12.35 -5.63 5.74
N LEU A 173 11.23 -5.62 6.45
CA LEU A 173 10.83 -4.42 7.16
C LEU A 173 11.68 -4.14 8.39
N ASN A 174 12.34 -5.16 8.96
CA ASN A 174 13.29 -4.88 10.03
C ASN A 174 14.50 -4.12 9.50
N VAL A 175 14.96 -4.45 8.30
CA VAL A 175 16.05 -3.70 7.69
C VAL A 175 15.59 -2.29 7.34
N LEU A 176 14.37 -2.17 6.80
CA LEU A 176 13.84 -0.85 6.43
C LEU A 176 13.65 0.02 7.67
N THR A 177 12.99 -0.50 8.70
CA THR A 177 12.72 0.29 9.90
C THR A 177 13.98 0.59 10.71
N SER A 178 15.16 0.14 10.27
CA SER A 178 16.39 0.65 10.85
C SER A 178 16.53 2.15 10.63
N ILE A 179 15.98 2.66 9.52
CA ILE A 179 16.11 4.08 9.22
C ILE A 179 15.03 4.89 9.95
N ALA A 180 13.81 4.33 10.02
CA ALA A 180 12.67 5.00 10.67
C ALA A 180 11.44 4.10 10.77
N ILE A 181 10.67 4.28 11.85
CA ILE A 181 9.43 3.54 12.06
C ILE A 181 8.27 4.35 11.49
N PRO A 182 7.34 3.74 10.77
CA PRO A 182 6.16 4.48 10.31
C PRO A 182 5.01 4.41 11.31
N LYS A 183 4.12 5.40 11.22
CA LYS A 183 2.90 5.39 12.01
C LYS A 183 1.97 4.27 11.56
N VAL A 184 1.71 4.20 10.26
CA VAL A 184 0.72 3.30 9.68
C VAL A 184 1.35 2.54 8.52
N ILE A 185 0.99 1.26 8.39
CA ILE A 185 1.34 0.45 7.23
C ILE A 185 0.04 -0.02 6.59
N HIS A 186 -0.20 0.41 5.36
CA HIS A 186 -1.37 -0.02 4.61
C HIS A 186 -1.00 -1.19 3.71
N SER A 187 -1.91 -2.16 3.61
CA SER A 187 -1.69 -3.32 2.75
C SER A 187 -3.04 -3.90 2.37
N ASP A 188 -3.03 -4.75 1.34
CA ASP A 188 -4.21 -5.53 1.01
C ASP A 188 -4.32 -6.71 1.98
N GLN A 189 -5.37 -7.50 1.81
CA GLN A 189 -5.60 -8.64 2.70
C GLN A 189 -4.90 -9.91 2.23
N GLY A 190 -3.68 -9.77 1.74
CA GLY A 190 -2.89 -10.93 1.40
C GLY A 190 -2.44 -11.71 2.62
N ALA A 191 -2.09 -12.98 2.41
CA ALA A 191 -1.79 -13.88 3.52
C ALA A 191 -0.61 -13.38 4.34
N ALA A 192 0.39 -12.78 3.69
CA ALA A 192 1.58 -12.33 4.41
C ALA A 192 1.27 -11.21 5.41
N PHE A 193 0.26 -10.39 5.12
CA PHE A 193 -0.04 -9.22 5.93
C PHE A 193 -1.15 -9.43 6.95
N THR A 194 -2.03 -10.41 6.72
CA THR A 194 -3.16 -10.66 7.60
C THR A 194 -2.84 -11.64 8.72
N SER A 195 -1.65 -12.24 8.72
CA SER A 195 -1.30 -13.24 9.72
C SER A 195 -1.11 -12.58 11.09
N SER A 196 -1.36 -13.36 12.14
CA SER A 196 -1.18 -12.85 13.50
C SER A 196 0.29 -12.58 13.79
N THR A 197 1.20 -13.29 13.12
CA THR A 197 2.62 -13.02 13.30
C THR A 197 2.98 -11.61 12.85
N PHE A 198 2.34 -11.13 11.77
CA PHE A 198 2.60 -9.78 11.30
C PHE A 198 1.95 -8.74 12.20
N ALA A 199 0.73 -8.99 12.68
CA ALA A 199 0.09 -8.09 13.62
C ALA A 199 0.89 -7.98 14.91
N GLU A 200 1.43 -9.10 15.38
CA GLU A 200 2.32 -9.09 16.54
C GLU A 200 3.55 -8.21 16.29
N TRP A 201 4.17 -8.39 15.12
CA TRP A 201 5.35 -7.60 14.76
C TRP A 201 5.03 -6.11 14.72
N ALA A 202 3.84 -5.75 14.25
CA ALA A 202 3.48 -4.33 14.14
C ALA A 202 3.13 -3.73 15.49
N LYS A 203 2.43 -4.47 16.35
CA LYS A 203 2.11 -3.95 17.68
C LYS A 203 3.35 -3.76 18.53
N GLU A 204 4.36 -4.62 18.39
CA GLU A 204 5.60 -4.46 19.14
C GLU A 204 6.29 -3.12 18.85
N ARG A 205 6.07 -2.56 17.65
CA ARG A 205 6.76 -1.36 17.21
C ARG A 205 5.87 -0.12 17.18
N GLY A 206 4.63 -0.22 17.65
CA GLY A 206 3.72 0.91 17.61
C GLY A 206 3.20 1.26 16.23
N ILE A 207 3.13 0.29 15.34
CA ILE A 207 2.68 0.50 13.96
C ILE A 207 1.25 0.01 13.84
N HIS A 208 0.37 0.88 13.34
CA HIS A 208 -1.03 0.52 13.10
C HIS A 208 -1.14 -0.10 11.72
N LEU A 209 -1.71 -1.31 11.67
CA LEU A 209 -1.93 -2.01 10.41
C LEU A 209 -3.28 -1.59 9.85
N GLU A 210 -3.24 -0.99 8.66
CA GLU A 210 -4.42 -0.59 7.92
C GLU A 210 -4.61 -1.54 6.74
N PHE A 211 -5.84 -1.98 6.50
CA PHE A 211 -6.10 -2.97 5.47
C PHE A 211 -7.11 -2.44 4.46
N SER A 212 -6.89 -2.79 3.19
CA SER A 212 -7.84 -2.46 2.14
C SER A 212 -9.12 -3.28 2.30
N THR A 213 -10.19 -2.76 1.72
CA THR A 213 -11.37 -3.58 1.52
C THR A 213 -11.01 -4.76 0.62
N PRO A 214 -11.65 -5.92 0.80
CA PRO A 214 -11.20 -7.11 0.07
C PRO A 214 -11.47 -7.01 -1.42
N TYR A 215 -10.55 -7.58 -2.19
CA TYR A 215 -10.67 -7.70 -3.64
C TYR A 215 -10.87 -6.33 -4.30
N HIS A 216 -9.94 -5.44 -4.02
CA HIS A 216 -10.03 -4.06 -4.48
C HIS A 216 -8.63 -3.43 -4.46
N PRO A 217 -7.78 -3.74 -5.46
CA PRO A 217 -6.41 -3.19 -5.46
C PRO A 217 -6.36 -1.69 -5.66
N GLN A 218 -7.43 -1.04 -6.13
CA GLN A 218 -7.45 0.41 -6.18
CA GLN A 218 -7.48 0.42 -6.15
C GLN A 218 -7.05 1.01 -4.83
N SER A 219 -7.48 0.40 -3.72
CA SER A 219 -7.22 0.94 -2.39
C SER A 219 -5.74 0.98 -2.04
N SER A 220 -4.96 0.02 -2.54
CA SER A 220 -3.49 0.08 -2.45
C SER A 220 -2.88 0.78 -3.67
N GLY A 221 -3.62 1.71 -4.28
CA GLY A 221 -3.22 2.24 -5.58
C GLY A 221 -1.89 2.96 -5.59
N LYS A 222 -1.48 3.52 -4.44
CA LYS A 222 -0.18 4.17 -4.38
C LYS A 222 0.95 3.20 -4.70
N VAL A 223 0.93 2.02 -4.07
CA VAL A 223 2.00 1.06 -4.32
C VAL A 223 1.74 0.27 -5.60
N GLU A 224 0.47 0.02 -5.95
CA GLU A 224 0.18 -0.67 -7.20
C GLU A 224 0.69 0.12 -8.39
N ARG A 225 0.46 1.44 -8.40
CA ARG A 225 0.97 2.28 -9.47
C ARG A 225 2.49 2.28 -9.52
N LYS A 226 3.15 2.24 -8.35
CA LYS A 226 4.61 2.13 -8.33
C LYS A 226 5.08 0.78 -8.88
N ASN A 227 4.30 -0.28 -8.67
CA ASN A 227 4.63 -1.57 -9.27
C ASN A 227 4.71 -1.47 -10.78
N SER A 228 3.83 -0.68 -11.38
CA SER A 228 3.84 -0.51 -12.83
C SER A 228 5.16 0.09 -13.29
N ASP A 229 5.64 1.13 -12.60
CA ASP A 229 6.90 1.75 -12.97
C ASP A 229 8.08 0.82 -12.72
N ILE A 230 8.03 0.04 -11.64
CA ILE A 230 9.10 -0.93 -11.37
C ILE A 230 9.18 -1.97 -12.47
N LYS A 231 8.02 -2.54 -12.85
CA LYS A 231 8.01 -3.54 -13.91
C LYS A 231 8.37 -2.93 -15.26
N ARG A 232 7.91 -1.70 -15.52
CA ARG A 232 8.16 -1.07 -16.81
C ARG A 232 9.64 -0.78 -17.02
N LEU A 233 10.32 -0.30 -15.98
CA LEU A 233 11.76 -0.04 -16.09
C LEU A 233 12.55 -1.34 -16.16
N LEU A 234 12.16 -2.34 -15.37
CA LEU A 234 12.81 -3.65 -15.46
C LEU A 234 12.68 -4.24 -16.86
N THR A 235 11.49 -4.13 -17.44
CA THR A 235 11.27 -4.63 -18.81
C THR A 235 12.23 -3.98 -19.79
N LYS A 236 12.37 -2.66 -19.73
CA LYS A 236 13.24 -1.94 -20.65
C LYS A 236 14.70 -2.34 -20.47
N LEU A 237 15.17 -2.44 -19.22
CA LEU A 237 16.56 -2.78 -18.98
C LEU A 237 16.89 -4.22 -19.39
N LEU A 238 15.87 -5.08 -19.48
CA LEU A 238 16.07 -6.49 -19.80
C LEU A 238 15.77 -6.81 -21.27
N VAL A 239 15.53 -5.81 -22.10
CA VAL A 239 15.29 -6.05 -23.52
C VAL A 239 16.52 -6.68 -24.14
N GLY A 240 16.31 -7.76 -24.89
CA GLY A 240 17.41 -8.45 -25.54
C GLY A 240 18.35 -9.17 -24.59
N ARG A 241 17.90 -9.48 -23.38
CA ARG A 241 18.69 -10.14 -22.37
C ARG A 241 17.84 -11.17 -21.66
N PRO A 242 18.45 -12.16 -21.01
CA PRO A 242 17.69 -13.00 -20.08
C PRO A 242 17.23 -12.18 -18.87
N THR A 243 16.08 -12.57 -18.32
CA THR A 243 15.41 -11.79 -17.29
C THR A 243 16.10 -11.98 -15.93
N LYS A 244 17.31 -11.42 -15.83
CA LYS A 244 18.09 -11.47 -14.60
C LYS A 244 17.83 -10.19 -13.81
N TRP A 245 16.67 -10.17 -13.12
CA TRP A 245 16.19 -8.94 -12.50
C TRP A 245 16.70 -8.73 -11.08
N TYR A 246 17.23 -9.76 -10.42
CA TYR A 246 17.67 -9.62 -9.04
C TYR A 246 18.72 -8.53 -8.90
N ASP A 247 19.70 -8.48 -9.81
CA ASP A 247 20.75 -7.47 -9.73
C ASP A 247 20.26 -6.07 -10.07
N LEU A 248 19.15 -5.95 -10.79
CA LEU A 248 18.66 -4.65 -11.23
C LEU A 248 17.76 -3.95 -10.21
N LEU A 249 17.26 -4.65 -9.19
CA LEU A 249 16.40 -4.00 -8.20
C LEU A 249 17.08 -2.82 -7.51
N PRO A 250 18.34 -2.91 -7.06
CA PRO A 250 18.99 -1.70 -6.52
C PRO A 250 19.05 -0.55 -7.53
N VAL A 251 19.26 -0.87 -8.81
CA VAL A 251 19.32 0.18 -9.84
C VAL A 251 17.95 0.80 -10.04
N VAL A 252 16.91 -0.03 -10.15
CA VAL A 252 15.55 0.47 -10.35
C VAL A 252 15.11 1.31 -9.15
N GLN A 253 15.41 0.83 -7.94
CA GLN A 253 15.05 1.57 -6.74
C GLN A 253 15.64 2.97 -6.75
N LEU A 254 16.95 3.06 -7.01
CA LEU A 254 17.61 4.36 -7.05
C LEU A 254 17.07 5.22 -8.20
N ALA A 255 16.85 4.62 -9.37
CA ALA A 255 16.43 5.38 -10.54
C ALA A 255 15.05 6.00 -10.32
N LEU A 256 14.09 5.21 -9.81
CA LEU A 256 12.73 5.72 -9.64
C LEU A 256 12.66 6.73 -8.48
N ASN A 257 13.43 6.50 -7.42
CA ASN A 257 13.43 7.44 -6.30
C ASN A 257 13.99 8.80 -6.68
N ASN A 258 14.75 8.88 -7.78
CA ASN A 258 15.28 10.15 -8.27
C ASN A 258 14.66 10.57 -9.59
N THR A 259 13.47 10.08 -9.90
CA THR A 259 12.77 10.43 -11.13
C THR A 259 11.72 11.50 -10.84
N TYR A 260 11.71 12.54 -11.65
CA TYR A 260 10.76 13.63 -11.47
C TYR A 260 9.35 13.18 -11.81
N SER A 261 8.40 13.57 -10.96
CA SER A 261 6.98 13.52 -11.31
C SER A 261 6.62 14.83 -11.99
N PRO A 262 6.27 14.84 -13.28
CA PRO A 262 6.01 16.11 -13.97
C PRO A 262 5.00 17.01 -13.27
N VAL A 263 3.94 16.44 -12.68
CA VAL A 263 2.92 17.28 -12.06
C VAL A 263 3.41 17.86 -10.75
N LEU A 264 4.28 17.16 -10.03
CA LEU A 264 4.82 17.65 -8.76
C LEU A 264 6.02 18.56 -8.93
N LYS A 265 6.82 18.34 -9.97
CA LYS A 265 8.10 19.01 -10.21
C LYS A 265 9.18 18.59 -9.21
N TYR A 266 9.04 17.41 -8.60
CA TYR A 266 9.99 16.93 -7.61
C TYR A 266 10.14 15.42 -7.73
N THR A 267 11.31 14.92 -7.34
CA THR A 267 11.55 13.50 -7.22
C THR A 267 11.21 13.03 -5.82
N PRO A 268 10.92 11.72 -5.66
CA PRO A 268 10.65 11.22 -4.30
C PRO A 268 11.81 11.45 -3.34
N HIS A 269 13.04 11.30 -3.82
CA HIS A 269 14.22 11.61 -3.01
C HIS A 269 14.16 13.04 -2.50
N GLN A 270 13.82 13.99 -3.38
CA GLN A 270 13.76 15.39 -2.98
C GLN A 270 12.68 15.65 -1.94
N LEU A 271 11.53 14.99 -2.08
CA LEU A 271 10.47 15.15 -1.07
C LEU A 271 10.84 14.54 0.27
N LEU A 272 11.71 13.54 0.30
CA LEU A 272 12.14 12.90 1.55
C LEU A 272 13.29 13.65 2.23
N PHE A 273 14.29 14.09 1.46
CA PHE A 273 15.49 14.68 2.02
C PHE A 273 15.62 16.18 1.78
N GLY A 274 14.92 16.74 0.80
CA GLY A 274 15.04 18.15 0.50
C GLY A 274 16.34 18.54 -0.20
N ILE A 275 17.11 17.57 -0.67
CA ILE A 275 18.38 17.84 -1.35
C ILE A 275 18.82 16.57 -2.07
N ASP A 276 19.26 16.70 -3.31
CA ASP A 276 19.73 15.54 -4.05
C ASP A 276 21.06 15.05 -3.51
N SER A 277 21.27 13.74 -3.60
CA SER A 277 22.55 13.15 -3.25
C SER A 277 23.44 13.16 -4.50
N ASN A 278 24.57 12.44 -4.46
CA ASN A 278 25.54 12.45 -5.55
C ASN A 278 25.10 11.51 -6.66
N THR A 279 23.98 11.88 -7.29
CA THR A 279 23.43 11.18 -8.45
C THR A 279 23.57 12.05 -9.69
N PRO A 280 23.47 11.45 -10.89
CA PRO A 280 23.60 12.27 -12.11
C PRO A 280 22.51 13.33 -12.20
N PHE A 281 22.91 14.50 -12.71
CA PHE A 281 21.98 15.62 -12.94
C PHE A 281 21.34 16.09 -11.62
N ALA A 282 22.15 16.15 -10.56
CA ALA A 282 21.63 16.56 -9.26
C ALA A 282 21.30 18.05 -9.25
N ASN A 283 20.24 18.40 -8.54
CA ASN A 283 19.79 19.78 -8.47
C ASN A 283 20.65 20.56 -7.47
N GLN A 284 21.00 21.80 -7.85
CA GLN A 284 21.91 22.63 -7.07
C GLN A 284 21.30 23.99 -6.71
N ASP A 285 19.97 24.09 -6.70
CA ASP A 285 19.33 25.39 -6.49
C ASP A 285 19.46 25.89 -5.06
N THR A 286 19.65 24.99 -4.09
CA THR A 286 19.75 25.37 -2.68
C THR A 286 21.17 25.21 -2.15
N LEU A 287 22.16 25.51 -3.01
CA LEU A 287 23.55 25.31 -2.62
C LEU A 287 24.03 26.35 -1.62
N ASP A 288 23.51 27.58 -1.70
CA ASP A 288 23.93 28.66 -0.81
C ASP A 288 23.07 28.75 0.45
N LEU A 289 21.98 28.01 0.54
CA LEU A 289 21.16 28.01 1.75
C LEU A 289 21.79 27.12 2.81
N THR A 290 21.54 27.46 4.07
CA THR A 290 21.89 26.54 5.15
C THR A 290 20.92 25.35 5.15
N ARG A 291 21.24 24.34 5.95
CA ARG A 291 20.35 23.19 6.03
C ARG A 291 19.02 23.57 6.67
N GLU A 292 19.04 24.41 7.69
CA GLU A 292 17.79 24.87 8.31
C GLU A 292 16.96 25.69 7.32
N GLU A 293 17.60 26.56 6.53
CA GLU A 293 16.88 27.26 5.47
C GLU A 293 16.37 26.29 4.42
N GLU A 294 17.14 25.24 4.13
CA GLU A 294 16.72 24.21 3.18
C GLU A 294 15.53 23.41 3.69
N LEU A 295 15.57 23.02 4.96
CA LEU A 295 14.47 22.25 5.55
C LEU A 295 13.22 23.12 5.70
N SER A 296 13.38 24.42 5.85
CA SER A 296 12.21 25.31 5.88
C SER A 296 11.54 25.38 4.52
N LEU A 297 12.32 25.44 3.45
CA LEU A 297 11.77 25.41 2.09
C LEU A 297 11.14 24.05 1.78
N LEU A 298 11.69 22.97 2.35
CA LEU A 298 11.12 21.65 2.12
C LEU A 298 9.74 21.53 2.76
N GLN A 299 9.58 22.04 3.99
CA GLN A 299 8.28 21.99 4.63
C GLN A 299 7.22 22.77 3.87
N GLU A 300 7.62 23.88 3.23
CA GLU A 300 6.68 24.63 2.38
C GLU A 300 6.33 23.86 1.12
N ILE A 301 7.31 23.16 0.54
CA ILE A 301 7.06 22.38 -0.68
C ILE A 301 6.14 21.21 -0.39
N ARG A 302 6.32 20.56 0.76
CA ARG A 302 5.51 19.38 1.09
C ARG A 302 4.03 19.73 1.22
N THR A 303 3.72 20.89 1.81
CA THR A 303 2.33 21.29 2.02
C THR A 303 1.63 21.77 0.75
N SER A 304 2.38 22.25 -0.24
CA SER A 304 1.81 22.92 -1.41
C SER A 304 1.76 22.02 -2.65
N LEU A 305 1.87 20.70 -2.47
CA LEU A 305 1.86 19.80 -3.63
C LEU A 305 0.46 19.71 -4.23
N TYR A 306 0.43 19.45 -5.54
CA TYR A 306 -0.84 19.28 -6.24
C TYR A 306 -1.59 18.07 -5.69
N HIS A 307 -2.91 18.23 -5.53
CA HIS A 307 -3.73 17.11 -5.10
C HIS A 307 -5.02 17.08 -5.93
N PRO A 308 -5.34 15.94 -6.52
CA PRO A 308 -6.54 15.84 -7.36
C PRO A 308 -7.81 15.81 -6.54
N SER A 309 -8.93 16.06 -7.22
CA SER A 309 -10.24 16.08 -6.59
C SER A 309 -11.13 15.00 -7.19
N THR A 310 -12.21 14.70 -6.48
CA THR A 310 -13.16 13.68 -6.91
C THR A 310 -13.71 14.02 -8.29
N PRO A 311 -13.64 13.10 -9.24
CA PRO A 311 -14.11 13.39 -10.61
C PRO A 311 -15.63 13.44 -10.66
N PRO A 312 -16.21 13.87 -11.78
CA PRO A 312 -17.68 13.91 -11.87
C PRO A 312 -18.26 12.50 -11.88
N ALA A 313 -19.41 12.36 -11.23
CA ALA A 313 -20.12 11.09 -11.27
C ALA A 313 -20.62 10.81 -12.67
N SER A 314 -20.66 9.54 -13.04
CA SER A 314 -21.29 9.16 -14.29
C SER A 314 -22.81 9.30 -14.17
N SER A 315 -23.48 9.39 -15.32
CA SER A 315 -24.88 9.81 -15.33
C SER A 315 -25.81 8.84 -14.61
N ARG A 316 -25.41 7.58 -14.46
CA ARG A 316 -26.25 6.58 -13.80
C ARG A 316 -25.43 5.84 -12.72
N SER A 317 -24.94 6.60 -11.76
CA SER A 317 -24.22 6.02 -10.63
C SER A 317 -25.16 5.87 -9.43
N TRP A 318 -24.71 5.10 -8.44
CA TRP A 318 -25.43 4.92 -7.19
C TRP A 318 -24.49 5.14 -6.03
N SER A 319 -25.03 5.70 -4.95
CA SER A 319 -24.31 5.86 -3.70
C SER A 319 -25.08 5.17 -2.58
N PRO A 320 -24.38 4.50 -1.67
CA PRO A 320 -25.05 3.66 -0.68
C PRO A 320 -25.75 4.47 0.42
N VAL A 321 -26.87 3.90 0.89
CA VAL A 321 -27.68 4.48 1.94
C VAL A 321 -27.88 3.42 3.02
N VAL A 322 -27.95 3.87 4.28
CA VAL A 322 -28.12 2.95 5.40
C VAL A 322 -29.47 2.24 5.28
N GLY A 323 -29.45 0.93 5.44
CA GLY A 323 -30.63 0.11 5.33
C GLY A 323 -30.93 -0.43 3.95
N GLN A 324 -30.15 -0.05 2.95
CA GLN A 324 -30.39 -0.45 1.57
C GLN A 324 -29.99 -1.90 1.36
N LEU A 325 -30.76 -2.60 0.52
CA LEU A 325 -30.42 -3.97 0.12
C LEU A 325 -29.36 -3.92 -0.96
N VAL A 326 -28.21 -4.56 -0.71
CA VAL A 326 -27.10 -4.59 -1.64
C VAL A 326 -26.57 -6.02 -1.70
N GLN A 327 -25.80 -6.31 -2.74
CA GLN A 327 -25.26 -7.65 -2.96
C GLN A 327 -23.76 -7.57 -3.21
N GLU A 328 -22.99 -8.33 -2.44
CA GLU A 328 -21.55 -8.38 -2.59
C GLU A 328 -21.18 -9.30 -3.75
N ARG A 329 -20.14 -8.91 -4.49
CA ARG A 329 -19.65 -9.72 -5.59
C ARG A 329 -18.94 -10.96 -5.07
N VAL A 330 -19.23 -12.11 -5.70
CA VAL A 330 -18.51 -13.33 -5.36
C VAL A 330 -17.06 -13.19 -5.79
N ALA A 331 -16.14 -13.53 -4.90
CA ALA A 331 -14.72 -13.28 -5.10
C ALA A 331 -14.13 -14.08 -6.26
N ARG A 332 -14.06 -15.40 -6.11
CA ARG A 332 -13.52 -16.30 -7.14
C ARG A 332 -14.62 -17.26 -7.58
N PRO A 333 -15.58 -16.78 -8.38
CA PRO A 333 -16.75 -17.60 -8.70
C PRO A 333 -16.41 -18.73 -9.65
N ALA A 334 -16.96 -19.91 -9.35
CA ALA A 334 -16.72 -21.08 -10.18
C ALA A 334 -17.49 -20.98 -11.49
N SER A 335 -17.18 -21.89 -12.41
CA SER A 335 -17.80 -21.88 -13.72
C SER A 335 -19.29 -22.19 -13.59
N LEU A 336 -20.12 -21.39 -14.29
CA LEU A 336 -21.57 -21.55 -14.30
C LEU A 336 -22.18 -21.33 -12.92
N ARG A 337 -21.53 -20.54 -12.07
CA ARG A 337 -22.05 -20.21 -10.75
C ARG A 337 -22.28 -18.69 -10.65
N PRO A 338 -23.20 -18.25 -9.79
CA PRO A 338 -23.55 -16.84 -9.76
C PRO A 338 -22.38 -15.94 -9.40
N ARG A 339 -22.40 -14.73 -9.96
CA ARG A 339 -21.36 -13.74 -9.71
C ARG A 339 -21.64 -12.88 -8.49
N TRP A 340 -22.82 -12.99 -7.89
CA TRP A 340 -23.21 -12.17 -6.75
C TRP A 340 -23.70 -13.03 -5.59
N HIS A 341 -23.48 -12.54 -4.38
CA HIS A 341 -24.03 -13.16 -3.18
C HIS A 341 -25.50 -12.76 -3.00
N LYS A 342 -26.14 -13.37 -2.01
CA LYS A 342 -27.52 -13.03 -1.68
C LYS A 342 -27.60 -11.61 -1.11
N PRO A 343 -28.77 -10.99 -1.16
CA PRO A 343 -28.89 -9.61 -0.68
C PRO A 343 -28.51 -9.47 0.79
N SER A 344 -27.81 -8.38 1.10
CA SER A 344 -27.43 -8.00 2.46
C SER A 344 -27.76 -6.53 2.66
N THR A 345 -27.69 -6.08 3.91
CA THR A 345 -28.15 -4.76 4.29
C THR A 345 -26.97 -3.87 4.68
N VAL A 346 -27.03 -2.60 4.28
CA VAL A 346 -25.98 -1.63 4.58
C VAL A 346 -26.18 -1.17 6.03
N LEU A 347 -25.25 -1.54 6.90
CA LEU A 347 -25.31 -1.11 8.29
C LEU A 347 -24.82 0.33 8.45
N LYS A 348 -23.62 0.62 7.96
CA LYS A 348 -23.00 1.93 8.13
C LYS A 348 -22.31 2.34 6.85
N VAL A 349 -22.34 3.64 6.58
CA VAL A 349 -21.70 4.23 5.41
C VAL A 349 -20.46 4.96 5.90
N LEU A 350 -19.29 4.33 5.74
CA LEU A 350 -18.04 4.91 6.25
C LEU A 350 -17.63 6.13 5.43
N ASN A 351 -17.79 6.07 4.12
CA ASN A 351 -17.62 7.19 3.21
C ASN A 351 -18.45 6.87 1.96
N PRO A 352 -18.58 7.78 0.98
CA PRO A 352 -19.43 7.46 -0.18
C PRO A 352 -18.99 6.23 -0.95
N ARG A 353 -17.76 5.74 -0.74
CA ARG A 353 -17.23 4.61 -1.49
C ARG A 353 -17.04 3.35 -0.65
N THR A 354 -17.26 3.43 0.66
CA THR A 354 -16.97 2.32 1.58
C THR A 354 -18.13 2.15 2.54
N VAL A 355 -18.55 0.90 2.77
CA VAL A 355 -19.67 0.60 3.66
C VAL A 355 -19.40 -0.66 4.45
N VAL A 356 -20.13 -0.78 5.58
CA VAL A 356 -20.22 -2.00 6.36
C VAL A 356 -21.56 -2.66 6.03
N ILE A 357 -21.54 -3.98 5.85
CA ILE A 357 -22.75 -4.74 5.52
C ILE A 357 -22.90 -5.91 6.46
N LEU A 358 -24.15 -6.37 6.61
CA LEU A 358 -24.48 -7.57 7.37
C LEU A 358 -24.35 -8.76 6.41
N ASP A 359 -23.22 -9.45 6.50
CA ASP A 359 -22.75 -10.38 5.47
C ASP A 359 -23.73 -11.54 5.25
N HIS A 360 -23.55 -12.22 4.11
CA HIS A 360 -24.39 -13.39 3.78
C HIS A 360 -24.22 -14.52 4.79
N LEU A 361 -23.06 -14.59 5.46
CA LEU A 361 -22.86 -15.57 6.53
C LEU A 361 -23.48 -15.11 7.84
N GLY A 362 -23.51 -13.80 8.08
CA GLY A 362 -24.02 -13.24 9.32
C GLY A 362 -23.06 -12.22 9.93
N ASN A 363 -21.83 -12.18 9.41
CA ASN A 363 -20.78 -11.33 9.96
C ASN A 363 -20.95 -9.89 9.51
N ASN A 364 -20.19 -9.01 10.16
CA ASN A 364 -20.02 -7.63 9.71
C ASN A 364 -18.82 -7.56 8.78
N ARG A 365 -19.01 -6.98 7.59
CA ARG A 365 -18.00 -6.98 6.56
C ARG A 365 -17.86 -5.59 5.95
N THR A 366 -16.64 -5.08 5.92
CA THR A 366 -16.34 -3.78 5.34
C THR A 366 -15.91 -3.98 3.89
N VAL A 367 -16.65 -3.36 2.95
CA VAL A 367 -16.46 -3.61 1.53
C VAL A 367 -16.48 -2.31 0.75
N SER A 368 -15.84 -2.36 -0.43
CA SER A 368 -15.91 -1.28 -1.39
C SER A 368 -17.20 -1.40 -2.21
N ILE A 369 -17.76 -0.25 -2.60
CA ILE A 369 -18.97 -0.31 -3.41
C ILE A 369 -18.69 -0.80 -4.83
N ASP A 370 -17.42 -0.81 -5.25
CA ASP A 370 -17.06 -1.45 -6.52
C ASP A 370 -17.35 -2.94 -6.50
N ASN A 371 -17.42 -3.55 -5.31
CA ASN A 371 -17.79 -4.95 -5.17
C ASN A 371 -19.22 -5.11 -4.65
N LEU A 372 -20.09 -4.14 -4.95
CA LEU A 372 -21.48 -4.18 -4.54
C LEU A 372 -22.35 -3.74 -5.70
N LYS A 373 -23.53 -4.33 -5.78
CA LYS A 373 -24.58 -3.78 -6.61
C LYS A 373 -25.83 -3.54 -5.76
N PRO A 374 -26.62 -2.52 -6.07
CA PRO A 374 -27.90 -2.35 -5.37
C PRO A 374 -28.89 -3.39 -5.87
N THR A 375 -29.52 -4.09 -4.93
CA THR A 375 -30.48 -5.12 -5.31
C THR A 375 -31.63 -4.50 -6.09
N SER A 376 -31.92 -5.09 -7.25
CA SER A 376 -32.92 -4.52 -8.15
C SER A 376 -34.33 -4.81 -7.66
N HIS A 377 -35.26 -3.96 -8.10
CA HIS A 377 -36.69 -4.10 -7.81
C HIS A 377 -36.99 -3.98 -6.33
N GLN A 378 -36.15 -3.27 -5.59
CA GLN A 378 -36.33 -3.03 -4.16
C GLN A 378 -36.43 -4.32 -3.36
N ASP B 119 32.28 30.27 1.22
CA ASP B 119 32.22 28.81 1.14
C ASP B 119 30.78 28.32 1.31
N ARG B 120 30.47 27.15 0.76
CA ARG B 120 29.11 26.63 0.76
C ARG B 120 28.80 25.98 2.11
N PRO B 121 27.56 26.13 2.60
CA PRO B 121 27.19 25.48 3.86
C PRO B 121 27.20 23.96 3.73
N GLN B 122 27.47 23.31 4.86
CA GLN B 122 27.56 21.86 4.90
C GLN B 122 26.18 21.24 4.78
N LYS B 123 26.11 20.11 4.07
CA LYS B 123 24.85 19.49 3.68
C LYS B 123 24.91 17.99 3.89
N PRO B 124 23.76 17.31 3.99
CA PRO B 124 23.77 15.85 3.99
C PRO B 124 24.24 15.30 2.66
N PHE B 125 24.85 14.12 2.72
CA PHE B 125 25.44 13.42 1.57
C PHE B 125 26.71 14.08 1.05
N ASP B 126 27.20 15.12 1.73
CA ASP B 126 28.49 15.69 1.35
C ASP B 126 29.63 14.75 1.70
N LYS B 127 29.56 14.12 2.86
CA LYS B 127 30.68 13.30 3.34
C LYS B 127 30.14 12.21 4.26
N PHE B 128 30.25 10.96 3.81
CA PHE B 128 30.04 9.80 4.67
C PHE B 128 31.37 9.40 5.29
N PHE B 129 31.34 9.11 6.59
CA PHE B 129 32.50 8.61 7.31
C PHE B 129 32.27 7.12 7.60
N ILE B 130 33.18 6.26 7.12
CA ILE B 130 33.01 4.83 7.28
C ILE B 130 34.17 4.26 8.10
N ASP B 131 33.88 3.17 8.82
CA ASP B 131 34.83 2.49 9.67
C ASP B 131 34.26 1.13 10.05
N TYR B 132 35.15 0.21 10.41
CA TYR B 132 34.75 -1.11 10.88
C TYR B 132 34.92 -1.21 12.39
N ILE B 133 33.95 -1.86 13.03
CA ILE B 133 34.04 -2.23 14.43
C ILE B 133 34.06 -3.76 14.51
N GLY B 134 35.06 -4.29 15.19
CA GLY B 134 35.21 -5.73 15.30
C GLY B 134 36.66 -6.18 15.41
N PRO B 135 36.89 -7.50 15.50
CA PRO B 135 35.86 -8.55 15.49
C PRO B 135 35.03 -8.64 16.77
N LEU B 136 33.75 -8.90 16.59
CA LEU B 136 32.79 -9.12 17.67
C LEU B 136 32.51 -10.61 17.82
N PRO B 137 31.81 -11.01 18.89
CA PRO B 137 31.40 -12.41 19.00
C PRO B 137 30.41 -12.75 17.89
N PRO B 138 30.39 -14.01 17.43
CA PRO B 138 29.50 -14.39 16.33
C PRO B 138 28.03 -14.15 16.65
N SER B 139 27.30 -13.58 15.69
CA SER B 139 25.87 -13.36 15.81
C SER B 139 25.25 -13.69 14.45
N GLN B 140 24.70 -14.90 14.34
CA GLN B 140 24.12 -15.40 13.09
C GLN B 140 25.12 -15.34 11.94
N GLY B 141 26.37 -15.71 12.23
CA GLY B 141 27.43 -15.78 11.23
C GLY B 141 28.15 -14.49 10.93
N TYR B 142 27.80 -13.39 11.60
CA TYR B 142 28.40 -12.09 11.35
C TYR B 142 29.35 -11.73 12.48
N LEU B 143 30.47 -11.09 12.13
CA LEU B 143 31.53 -10.78 13.08
C LEU B 143 31.87 -9.30 13.18
N TYR B 144 31.58 -8.50 12.16
CA TYR B 144 31.97 -7.10 12.13
C TYR B 144 30.76 -6.22 11.86
N VAL B 145 30.94 -4.92 12.07
CA VAL B 145 29.93 -3.91 11.79
C VAL B 145 30.58 -2.79 10.99
N LEU B 146 30.09 -2.56 9.78
CA LEU B 146 30.50 -1.39 9.01
C LEU B 146 29.67 -0.20 9.46
N VAL B 147 30.33 0.83 9.98
CA VAL B 147 29.67 2.03 10.48
C VAL B 147 29.77 3.11 9.42
N VAL B 148 28.63 3.67 9.03
CA VAL B 148 28.58 4.80 8.10
C VAL B 148 27.85 5.94 8.81
N VAL B 149 28.52 7.09 8.92
CA VAL B 149 27.97 8.25 9.58
C VAL B 149 28.00 9.42 8.59
N ASP B 150 26.84 10.02 8.37
CA ASP B 150 26.79 11.24 7.57
C ASP B 150 27.38 12.41 8.35
N GLY B 151 28.26 13.16 7.71
CA GLY B 151 29.02 14.16 8.44
C GLY B 151 28.18 15.32 8.92
N MET B 152 27.25 15.81 8.08
CA MET B 152 26.46 16.98 8.44
C MET B 152 25.39 16.64 9.47
N THR B 153 24.56 15.63 9.20
CA THR B 153 23.44 15.32 10.08
C THR B 153 23.84 14.48 11.29
N GLY B 154 24.90 13.70 11.18
CA GLY B 154 25.22 12.70 12.18
C GLY B 154 24.42 11.42 12.05
N PHE B 155 23.68 11.25 10.96
CA PHE B 155 22.86 10.06 10.78
C PHE B 155 23.73 8.84 10.55
N THR B 156 23.37 7.73 11.19
CA THR B 156 24.20 6.53 11.22
C THR B 156 23.50 5.37 10.53
N TRP B 157 24.25 4.66 9.68
CA TRP B 157 23.84 3.37 9.15
C TRP B 157 24.82 2.31 9.64
N LEU B 158 24.30 1.12 9.97
CA LEU B 158 25.11 0.03 10.48
C LEU B 158 24.83 -1.23 9.66
N TYR B 159 25.89 -1.86 9.16
CA TYR B 159 25.77 -3.03 8.31
C TYR B 159 26.62 -4.17 8.88
N PRO B 160 26.03 -5.32 9.19
CA PRO B 160 26.83 -6.46 9.67
C PRO B 160 27.53 -7.17 8.53
N THR B 161 28.79 -7.53 8.75
CA THR B 161 29.58 -8.23 7.75
C THR B 161 30.33 -9.38 8.41
N LYS B 162 30.77 -10.33 7.57
CA LYS B 162 31.52 -11.48 8.04
C LYS B 162 33.02 -11.23 8.08
N ALA B 163 33.49 -10.13 7.48
CA ALA B 163 34.91 -9.81 7.45
C ALA B 163 35.06 -8.32 7.15
N PRO B 164 36.25 -7.70 7.51
CA PRO B 164 36.53 -6.31 7.09
C PRO B 164 37.20 -6.25 5.71
N SER B 165 36.53 -6.83 4.72
CA SER B 165 37.07 -6.99 3.38
C SER B 165 36.46 -5.98 2.43
N THR B 166 37.06 -5.87 1.25
CA THR B 166 36.50 -5.03 0.20
C THR B 166 35.16 -5.59 -0.28
N SER B 167 35.07 -6.91 -0.41
CA SER B 167 33.82 -7.54 -0.81
C SER B 167 32.68 -7.18 0.13
N ALA B 168 32.90 -7.37 1.43
CA ALA B 168 31.84 -7.07 2.40
C ALA B 168 31.52 -5.58 2.45
N THR B 169 32.53 -4.72 2.26
CA THR B 169 32.28 -3.29 2.20
C THR B 169 31.45 -2.92 0.97
N VAL B 170 31.85 -3.43 -0.21
CA VAL B 170 31.14 -3.14 -1.44
C VAL B 170 29.72 -3.67 -1.39
N LYS B 171 29.53 -4.86 -0.79
CA LYS B 171 28.19 -5.41 -0.66
C LYS B 171 27.31 -4.53 0.24
N SER B 172 27.84 -4.12 1.40
CA SER B 172 27.07 -3.31 2.33
C SER B 172 26.81 -1.91 1.78
N LEU B 173 27.83 -1.29 1.18
CA LEU B 173 27.66 0.05 0.64
C LEU B 173 26.80 0.09 -0.62
N ASN B 174 26.67 -1.03 -1.34
CA ASN B 174 25.74 -1.08 -2.47
C ASN B 174 24.30 -0.97 -1.99
N VAL B 175 23.98 -1.52 -0.81
CA VAL B 175 22.66 -1.32 -0.23
C VAL B 175 22.44 0.14 0.11
N LEU B 176 23.44 0.77 0.73
CA LEU B 176 23.30 2.18 1.13
C LEU B 176 23.23 3.09 -0.08
N THR B 177 24.09 2.87 -1.09
CA THR B 177 24.15 3.74 -2.25
C THR B 177 23.00 3.52 -3.22
N SER B 178 22.12 2.55 -2.97
CA SER B 178 20.85 2.47 -3.66
C SER B 178 19.77 3.33 -3.00
N ILE B 179 20.08 3.90 -1.84
CA ILE B 179 19.22 4.88 -1.18
C ILE B 179 19.74 6.30 -1.41
N ALA B 180 21.05 6.51 -1.21
CA ALA B 180 21.65 7.82 -1.39
C ALA B 180 23.15 7.66 -1.57
N ILE B 181 23.72 8.44 -2.49
CA ILE B 181 25.12 8.37 -2.85
C ILE B 181 25.85 9.57 -2.26
N PRO B 182 26.95 9.39 -1.52
CA PRO B 182 27.69 10.54 -1.00
C PRO B 182 28.67 11.08 -2.03
N LYS B 183 28.96 12.39 -1.89
CA LYS B 183 30.00 12.99 -2.72
C LYS B 183 31.38 12.48 -2.34
N VAL B 184 31.63 12.33 -1.03
CA VAL B 184 32.92 11.90 -0.51
C VAL B 184 32.69 10.80 0.52
N ILE B 185 33.54 9.78 0.51
CA ILE B 185 33.64 8.80 1.58
C ILE B 185 34.98 8.98 2.26
N HIS B 186 34.96 9.11 3.59
CA HIS B 186 36.16 9.28 4.39
C HIS B 186 36.40 8.02 5.22
N SER B 187 37.67 7.65 5.38
CA SER B 187 38.02 6.45 6.12
C SER B 187 39.47 6.53 6.58
N ASP B 188 39.84 5.62 7.47
CA ASP B 188 41.25 5.41 7.78
C ASP B 188 41.88 4.56 6.68
N GLN B 189 43.19 4.34 6.76
CA GLN B 189 43.90 3.59 5.74
C GLN B 189 43.77 2.07 5.91
N GLY B 190 42.59 1.59 6.30
CA GLY B 190 42.38 0.17 6.39
C GLY B 190 42.43 -0.51 5.02
N ALA B 191 42.82 -1.79 5.04
CA ALA B 191 43.07 -2.50 3.79
C ALA B 191 41.87 -2.48 2.85
N ALA B 192 40.68 -2.73 3.39
CA ALA B 192 39.49 -2.81 2.54
C ALA B 192 39.20 -1.49 1.83
N PHE B 193 39.55 -0.37 2.45
CA PHE B 193 39.24 0.94 1.89
C PHE B 193 40.33 1.45 0.95
N THR B 194 41.56 0.98 1.09
CA THR B 194 42.66 1.42 0.23
C THR B 194 42.89 0.49 -0.96
N SER B 195 42.11 -0.57 -1.10
CA SER B 195 42.28 -1.50 -2.21
C SER B 195 41.88 -0.83 -3.52
N SER B 196 42.47 -1.31 -4.61
CA SER B 196 42.13 -0.78 -5.93
C SER B 196 40.74 -1.22 -6.38
N THR B 197 40.22 -2.33 -5.84
CA THR B 197 38.85 -2.72 -6.13
C THR B 197 37.87 -1.71 -5.56
N PHE B 198 38.11 -1.25 -4.33
CA PHE B 198 37.25 -0.22 -3.74
C PHE B 198 37.46 1.13 -4.42
N ALA B 199 38.67 1.40 -4.90
CA ALA B 199 38.89 2.63 -5.68
C ALA B 199 38.10 2.62 -6.98
N GLU B 200 38.06 1.47 -7.66
CA GLU B 200 37.27 1.37 -8.89
C GLU B 200 35.77 1.42 -8.59
N TRP B 201 35.33 0.78 -7.50
CA TRP B 201 33.94 0.88 -7.08
C TRP B 201 33.53 2.33 -6.85
N ALA B 202 34.37 3.11 -6.17
CA ALA B 202 34.05 4.51 -5.89
C ALA B 202 34.06 5.35 -7.15
N LYS B 203 35.01 5.07 -8.07
CA LYS B 203 35.09 5.84 -9.31
C LYS B 203 33.88 5.61 -10.21
N GLU B 204 33.34 4.39 -10.24
CA GLU B 204 32.15 4.10 -11.02
C GLU B 204 30.94 4.92 -10.57
N ARG B 205 30.83 5.17 -9.27
CA ARG B 205 29.69 5.90 -8.70
C ARG B 205 29.97 7.39 -8.53
N GLY B 206 31.12 7.87 -9.00
CA GLY B 206 31.47 9.28 -8.86
C GLY B 206 31.79 9.70 -7.45
N ILE B 207 32.21 8.77 -6.60
CA ILE B 207 32.50 9.04 -5.19
C ILE B 207 33.99 9.31 -5.05
N HIS B 208 34.33 10.46 -4.49
CA HIS B 208 35.72 10.75 -4.16
C HIS B 208 36.08 10.07 -2.85
N LEU B 209 37.20 9.36 -2.85
CA LEU B 209 37.71 8.74 -1.64
C LEU B 209 38.68 9.68 -0.93
N GLU B 210 38.57 9.73 0.39
CA GLU B 210 39.39 10.61 1.22
C GLU B 210 39.93 9.81 2.39
N PHE B 211 41.23 9.91 2.64
CA PHE B 211 41.90 9.10 3.65
C PHE B 211 42.57 9.98 4.68
N SER B 212 42.48 9.57 5.94
CA SER B 212 43.26 10.19 7.00
C SER B 212 44.68 9.63 6.98
N THR B 213 45.60 10.39 7.55
CA THR B 213 46.98 9.95 7.65
C THR B 213 47.08 8.71 8.54
N PRO B 214 47.94 7.75 8.21
CA PRO B 214 48.09 6.57 9.06
C PRO B 214 48.45 6.93 10.49
N TYR B 215 47.84 6.21 11.44
CA TYR B 215 48.03 6.37 12.87
C TYR B 215 47.56 7.73 13.39
N HIS B 216 46.82 8.49 12.58
CA HIS B 216 46.25 9.78 13.00
C HIS B 216 44.82 9.87 12.50
N PRO B 217 43.91 9.05 13.05
CA PRO B 217 42.52 9.06 12.56
C PRO B 217 41.76 10.31 12.96
N GLN B 218 41.50 11.20 12.01
CA GLN B 218 40.80 12.45 12.26
C GLN B 218 39.60 12.57 11.34
N SER B 219 38.49 13.03 11.90
CA SER B 219 37.25 13.19 11.14
C SER B 219 36.59 14.54 11.47
N SER B 220 35.79 14.55 12.53
CA SER B 220 35.19 15.78 13.04
C SER B 220 34.67 15.49 14.44
N GLY B 221 34.52 16.57 15.23
CA GLY B 221 34.04 16.40 16.59
C GLY B 221 32.71 15.70 16.68
N LYS B 222 31.77 16.07 15.81
CA LYS B 222 30.45 15.43 15.80
C LYS B 222 30.55 13.95 15.44
N VAL B 223 31.42 13.61 14.48
CA VAL B 223 31.57 12.22 14.07
C VAL B 223 32.36 11.42 15.10
N GLU B 224 33.41 12.02 15.68
CA GLU B 224 34.14 11.35 16.75
C GLU B 224 33.22 11.01 17.92
N ARG B 225 32.40 11.97 18.36
CA ARG B 225 31.48 11.71 19.45
C ARG B 225 30.39 10.71 19.04
N LYS B 226 30.03 10.66 17.77
CA LYS B 226 29.05 9.69 17.30
C LYS B 226 29.62 8.28 17.32
N ASN B 227 30.83 8.11 16.81
CA ASN B 227 31.49 6.79 16.87
C ASN B 227 31.75 6.36 18.31
N SER B 228 31.99 7.32 19.20
CA SER B 228 32.11 7.00 20.62
C SER B 228 30.80 6.44 21.16
N ASP B 229 29.68 7.09 20.83
CA ASP B 229 28.38 6.59 21.28
C ASP B 229 28.12 5.19 20.77
N ILE B 230 28.46 4.92 19.50
CA ILE B 230 28.18 3.61 18.91
C ILE B 230 28.95 2.52 19.63
N LYS B 231 30.25 2.74 19.88
CA LYS B 231 31.05 1.77 20.62
C LYS B 231 30.45 1.47 22.00
N ARG B 232 30.13 2.53 22.75
CA ARG B 232 29.63 2.34 24.11
C ARG B 232 28.22 1.78 24.13
N LEU B 233 27.36 2.19 23.18
CA LEU B 233 26.01 1.65 23.14
C LEU B 233 26.00 0.17 22.75
N LEU B 234 26.91 -0.24 21.87
CA LEU B 234 27.04 -1.66 21.55
C LEU B 234 27.53 -2.45 22.76
N THR B 235 28.58 -1.95 23.43
CA THR B 235 29.15 -2.66 24.58
C THR B 235 28.11 -2.87 25.68
N LYS B 236 27.25 -1.87 25.90
CA LYS B 236 26.25 -1.98 26.96
C LYS B 236 25.21 -3.05 26.67
N LEU B 237 24.90 -3.28 25.39
CA LEU B 237 23.95 -4.32 25.00
C LEU B 237 24.61 -5.65 24.66
N LEU B 238 25.94 -5.66 24.46
CA LEU B 238 26.64 -6.92 24.26
C LEU B 238 26.66 -7.77 25.53
N VAL B 239 26.86 -7.14 26.68
CA VAL B 239 26.94 -7.89 27.93
C VAL B 239 25.58 -8.49 28.24
N GLY B 240 25.58 -9.77 28.62
CA GLY B 240 24.34 -10.49 28.88
C GLY B 240 23.85 -11.32 27.70
N ARG B 241 23.99 -10.77 26.49
CA ARG B 241 23.52 -11.43 25.27
C ARG B 241 24.49 -11.14 24.13
N PRO B 242 25.72 -11.68 24.21
CA PRO B 242 26.76 -11.27 23.26
C PRO B 242 26.63 -11.85 21.85
N THR B 243 25.76 -12.83 21.64
CA THR B 243 25.57 -13.41 20.31
C THR B 243 24.30 -12.93 19.64
N LYS B 244 23.61 -11.94 20.22
CA LYS B 244 22.29 -11.53 19.74
C LYS B 244 22.30 -10.07 19.27
N TRP B 245 23.46 -9.57 18.85
CA TRP B 245 23.53 -8.17 18.43
C TRP B 245 23.06 -7.95 17.00
N TYR B 246 22.95 -9.00 16.20
CA TYR B 246 22.43 -8.84 14.84
C TYR B 246 21.00 -8.33 14.85
N ASP B 247 20.14 -8.91 15.71
CA ASP B 247 18.75 -8.50 15.78
C ASP B 247 18.56 -7.14 16.42
N LEU B 248 19.55 -6.65 17.18
CA LEU B 248 19.44 -5.38 17.87
C LEU B 248 19.96 -4.21 17.05
N LEU B 249 20.62 -4.45 15.91
CA LEU B 249 21.10 -3.35 15.09
C LEU B 249 20.01 -2.38 14.65
N PRO B 250 18.78 -2.81 14.30
CA PRO B 250 17.73 -1.82 14.00
C PRO B 250 17.45 -0.85 15.14
N VAL B 251 17.24 -1.35 16.36
CA VAL B 251 16.90 -0.46 17.46
C VAL B 251 18.10 0.37 17.89
N VAL B 252 19.33 -0.13 17.66
CA VAL B 252 20.51 0.68 17.93
C VAL B 252 20.56 1.89 17.01
N GLN B 253 20.31 1.69 15.71
CA GLN B 253 20.30 2.81 14.77
C GLN B 253 19.23 3.84 15.13
N LEU B 254 18.01 3.36 15.42
CA LEU B 254 16.93 4.27 15.80
C LEU B 254 17.31 5.09 17.03
N ALA B 255 17.95 4.45 18.01
CA ALA B 255 18.38 5.17 19.20
C ALA B 255 19.41 6.23 18.86
N LEU B 256 20.42 5.87 18.07
CA LEU B 256 21.47 6.83 17.70
C LEU B 256 20.90 7.98 16.87
N ASN B 257 20.02 7.67 15.92
CA ASN B 257 19.51 8.68 15.00
C ASN B 257 18.39 9.53 15.60
N ASN B 258 17.85 9.16 16.76
CA ASN B 258 16.89 9.98 17.47
C ASN B 258 17.45 10.44 18.80
N THR B 259 18.77 10.57 18.87
CA THR B 259 19.46 11.12 20.03
C THR B 259 19.69 12.62 19.82
N TYR B 260 19.48 13.38 20.88
CA TYR B 260 19.58 14.83 20.81
C TYR B 260 21.04 15.27 20.66
N SER B 261 21.24 16.30 19.84
CA SER B 261 22.58 16.85 19.61
C SER B 261 22.74 18.13 20.41
N PRO B 262 23.68 18.18 21.35
CA PRO B 262 23.91 19.43 22.10
C PRO B 262 24.25 20.63 21.22
N VAL B 263 25.07 20.43 20.19
CA VAL B 263 25.53 21.56 19.38
C VAL B 263 24.42 22.06 18.47
N LEU B 264 23.94 21.20 17.57
CA LEU B 264 22.97 21.60 16.55
C LEU B 264 21.55 21.71 17.10
N LYS B 265 21.26 21.11 18.25
CA LYS B 265 19.95 21.18 18.89
C LYS B 265 18.86 20.53 18.04
N TYR B 266 19.23 19.47 17.31
CA TYR B 266 18.31 18.65 16.53
C TYR B 266 18.89 17.25 16.43
N THR B 267 18.02 16.25 16.32
CA THR B 267 18.49 14.88 16.12
C THR B 267 18.95 14.66 14.69
N PRO B 268 19.72 13.59 14.44
CA PRO B 268 20.06 13.24 13.06
C PRO B 268 18.83 13.00 12.19
N HIS B 269 17.81 12.34 12.74
CA HIS B 269 16.56 12.14 12.01
C HIS B 269 15.94 13.46 11.59
N GLN B 270 15.92 14.45 12.48
CA GLN B 270 15.33 15.74 12.17
C GLN B 270 16.11 16.47 11.08
N LEU B 271 17.44 16.40 11.12
CA LEU B 271 18.25 17.10 10.12
C LEU B 271 18.20 16.42 8.76
N LEU B 272 17.98 15.11 8.71
CA LEU B 272 17.96 14.39 7.44
C LEU B 272 16.60 14.50 6.74
N PHE B 273 15.51 14.33 7.50
CA PHE B 273 14.17 14.30 6.92
C PHE B 273 13.38 15.58 7.13
N GLY B 274 13.80 16.44 8.05
CA GLY B 274 13.08 17.68 8.29
C GLY B 274 11.77 17.53 9.02
N ILE B 275 11.62 16.50 9.86
CA ILE B 275 10.40 16.24 10.61
C ILE B 275 10.75 15.62 11.95
N ASP B 276 9.77 15.62 12.85
CA ASP B 276 9.86 14.84 14.07
C ASP B 276 9.71 13.35 13.75
N SER B 277 10.19 12.52 14.66
CA SER B 277 10.17 11.08 14.50
C SER B 277 8.99 10.47 15.23
N ASN B 278 8.61 9.26 14.81
CA ASN B 278 7.61 8.47 15.51
C ASN B 278 8.22 7.64 16.63
N THR B 279 9.55 7.59 16.74
CA THR B 279 10.25 6.96 17.85
C THR B 279 11.19 7.99 18.47
N PRO B 280 10.66 8.91 19.29
CA PRO B 280 11.54 9.80 20.06
C PRO B 280 12.02 9.08 21.30
N PHE B 281 13.35 9.00 21.45
CA PHE B 281 13.95 8.37 22.62
C PHE B 281 14.11 9.44 23.70
N ALA B 282 12.99 9.74 24.37
CA ALA B 282 13.00 10.76 25.41
C ALA B 282 13.73 10.28 26.66
N ASN B 283 13.45 9.05 27.10
CA ASN B 283 14.19 8.45 28.21
C ASN B 283 15.63 8.18 27.79
N GLN B 284 16.52 9.14 28.04
CA GLN B 284 17.90 9.04 27.59
C GLN B 284 18.64 7.97 28.39
N ASP B 285 19.27 7.04 27.67
CA ASP B 285 20.00 5.95 28.29
C ASP B 285 21.25 6.47 28.99
N THR B 286 21.63 5.78 30.07
CA THR B 286 22.81 6.21 30.85
C THR B 286 24.10 6.01 30.06
N LEU B 287 24.17 4.93 29.27
CA LEU B 287 25.28 4.60 28.39
C LEU B 287 26.48 4.01 29.15
N ASP B 288 26.67 4.41 30.40
CA ASP B 288 27.68 3.77 31.24
C ASP B 288 27.19 2.40 31.71
N LEU B 289 28.15 1.57 32.12
CA LEU B 289 27.83 0.22 32.60
C LEU B 289 27.55 0.25 34.10
N THR B 290 26.55 -0.52 34.51
CA THR B 290 26.27 -0.69 35.92
C THR B 290 27.30 -1.62 36.56
N ARG B 291 27.30 -1.68 37.90
CA ARG B 291 28.28 -2.49 38.60
C ARG B 291 28.09 -3.98 38.30
N GLU B 292 26.85 -4.43 38.14
CA GLU B 292 26.61 -5.83 37.81
C GLU B 292 27.02 -6.17 36.39
N GLU B 293 26.87 -5.21 35.46
CA GLU B 293 27.30 -5.45 34.09
C GLU B 293 28.83 -5.48 33.95
N GLU B 294 29.57 -4.84 34.86
CA GLU B 294 31.02 -4.99 34.88
C GLU B 294 31.44 -6.38 35.35
N LEU B 295 30.65 -7.01 36.21
CA LEU B 295 30.98 -8.33 36.72
C LEU B 295 30.92 -9.39 35.61
N SER B 296 29.84 -9.39 34.82
CA SER B 296 29.71 -10.32 33.72
C SER B 296 30.59 -9.95 32.53
N LEU B 297 30.96 -8.67 32.40
CA LEU B 297 31.90 -8.29 31.34
C LEU B 297 33.32 -8.70 31.68
N LEU B 298 33.77 -8.46 32.92
CA LEU B 298 35.12 -8.84 33.33
C LEU B 298 35.28 -10.35 33.43
N GLN B 299 34.19 -11.10 33.61
CA GLN B 299 34.30 -12.56 33.66
C GLN B 299 34.61 -13.14 32.29
N GLU B 300 33.99 -12.61 31.25
CA GLU B 300 34.24 -13.06 29.88
C GLU B 300 35.57 -12.53 29.37
#